data_5DQ8
#
_entry.id   5DQ8
#
_cell.length_a   120.819
_cell.length_b   61.446
_cell.length_c   80.416
_cell.angle_alpha   90.00
_cell.angle_beta   117.55
_cell.angle_gamma   90.00
#
_symmetry.space_group_name_H-M   'C 1 2 1'
#
loop_
_entity.id
_entity.type
_entity.pdbx_description
1 polymer 'Transcriptional enhancer factor TEF-4'
2 non-polymer '2-[[3-(TRIFLUOROMETHYL)PHENYL]AMINO] BENZOIC ACID'
3 water water
#
_entity_poly.entity_id   1
_entity_poly.type   'polypeptide(L)'
_entity_poly.pdbx_seq_one_letter_code
;MAWQARGLGTARLQLVEFSAFVEPPDAVDSYQRHLFVHISQHCPSPGAPPLESVDVRQIYDKFPEKKGGLRELYDRGPPH
AFFLVKFWADLNWGPSGEEAGAGGSISSGGFYGVSSQYESLEHMTLTCSSKVCSFGKQVVEKVETERAQLEDGRFVYRLL
RSPMCEYLVNFLHKLRQLPERYMMNSVLENFTILQVVTNRDTQELLLCTAYVFEVSTSERGAQHHIYRLVRDVEHHHHHH
;
_entity_poly.pdbx_strand_id   A,B
#
# COMPACT_ATOMS: atom_id res chain seq x y z
N GLY A 7 16.46 -23.97 5.75
CA GLY A 7 16.25 -22.60 6.19
C GLY A 7 15.73 -21.69 5.09
N LEU A 8 14.95 -20.66 5.44
CA LEU A 8 14.55 -19.68 4.45
C LEU A 8 15.54 -18.50 4.44
N GLY A 9 16.38 -18.43 3.42
CA GLY A 9 17.46 -17.46 3.46
C GLY A 9 18.55 -17.65 2.43
N THR A 10 19.42 -16.65 2.30
CA THR A 10 20.61 -16.77 1.47
C THR A 10 21.90 -16.57 2.29
N ALA A 11 23.03 -16.50 1.60
CA ALA A 11 24.29 -16.15 2.23
C ALA A 11 24.16 -14.79 2.94
N ARG A 12 23.53 -13.81 2.29
CA ARG A 12 23.47 -12.47 2.80
C ARG A 12 22.36 -12.16 3.79
N LEU A 13 21.25 -12.90 3.77
CA LEU A 13 20.10 -12.51 4.59
C LEU A 13 19.28 -13.72 4.96
N GLN A 14 18.96 -13.85 6.24
CA GLN A 14 18.15 -14.98 6.68
C GLN A 14 16.90 -14.51 7.43
N LEU A 15 15.80 -15.22 7.21
CA LEU A 15 14.56 -15.04 8.02
C LEU A 15 14.73 -15.71 9.35
N VAL A 16 14.57 -14.92 10.39
CA VAL A 16 14.74 -15.43 11.75
C VAL A 16 13.38 -15.88 12.26
N GLU A 17 12.38 -15.01 12.10
CA GLU A 17 11.04 -15.26 12.62
C GLU A 17 9.98 -14.49 11.84
N PHE A 18 8.82 -15.10 11.64
CA PHE A 18 7.72 -14.43 11.00
C PHE A 18 6.45 -14.87 11.66
N SER A 19 5.51 -13.94 11.80
CA SER A 19 4.24 -14.22 12.46
C SER A 19 3.15 -13.20 12.11
N ALA A 20 1.91 -13.65 12.09
CA ALA A 20 0.81 -12.73 11.92
C ALA A 20 -0.20 -13.06 12.99
N PHE A 21 -0.79 -12.03 13.58
CA PHE A 21 -1.59 -12.21 14.81
C PHE A 21 -2.65 -11.18 15.15
N VAL A 22 -3.43 -11.51 16.16
CA VAL A 22 -4.39 -10.54 16.71
C VAL A 22 -4.28 -10.56 18.22
N GLU A 23 -4.36 -9.35 18.80
CA GLU A 23 -4.36 -9.12 20.25
C GLU A 23 -5.66 -8.49 20.71
N PRO A 24 -6.06 -8.74 21.98
CA PRO A 24 -7.31 -8.16 22.45
C PRO A 24 -7.26 -6.65 22.64
N GLN A 32 -1.96 -12.00 25.78
CA GLN A 32 -2.04 -13.29 25.09
C GLN A 32 -2.62 -13.14 23.68
N ARG A 33 -1.77 -13.31 22.67
CA ARG A 33 -2.20 -13.11 21.30
C ARG A 33 -2.48 -14.43 20.60
N HIS A 34 -3.11 -14.32 19.44
CA HIS A 34 -3.43 -15.46 18.61
C HIS A 34 -2.68 -15.38 17.30
N LEU A 35 -1.97 -16.45 16.97
CA LEU A 35 -1.18 -16.44 15.75
C LEU A 35 -1.91 -17.12 14.63
N PHE A 36 -2.02 -16.43 13.48
CA PHE A 36 -2.65 -17.06 12.32
C PHE A 36 -1.65 -18.01 11.66
N VAL A 37 -0.41 -17.55 11.55
CA VAL A 37 0.65 -18.31 10.96
C VAL A 37 1.93 -17.94 11.72
N HIS A 38 2.93 -18.82 11.69
CA HIS A 38 4.13 -18.60 12.46
C HIS A 38 5.29 -19.40 11.91
N ILE A 39 6.38 -18.71 11.58
CA ILE A 39 7.64 -19.35 11.23
C ILE A 39 8.66 -18.93 12.25
N SER A 40 9.17 -19.89 13.02
CA SER A 40 10.38 -19.63 13.82
C SER A 40 11.57 -20.45 13.31
N GLN A 41 12.77 -19.84 13.31
CA GLN A 41 13.95 -20.52 12.82
C GLN A 41 15.18 -20.35 13.72
N LEU A 51 15.81 -29.57 1.64
CA LEU A 51 14.73 -28.61 1.46
C LEU A 51 14.10 -28.78 0.07
N GLU A 52 12.82 -29.15 0.04
CA GLU A 52 12.13 -29.53 -1.19
C GLU A 52 12.01 -28.37 -2.17
N SER A 53 11.69 -28.67 -3.43
CA SER A 53 11.62 -27.67 -4.47
C SER A 53 10.26 -27.64 -5.15
N VAL A 54 10.07 -26.64 -6.02
CA VAL A 54 8.82 -26.44 -6.73
C VAL A 54 9.12 -25.65 -8.00
N ASP A 55 8.39 -25.91 -9.09
CA ASP A 55 8.68 -25.24 -10.34
C ASP A 55 7.84 -23.98 -10.45
N VAL A 56 8.54 -22.86 -10.50
CA VAL A 56 7.92 -21.53 -10.50
C VAL A 56 6.88 -21.39 -11.63
N ARG A 57 7.01 -22.20 -12.67
CA ARG A 57 6.08 -22.12 -13.80
C ARG A 57 4.68 -22.53 -13.38
N GLN A 58 4.61 -23.42 -12.38
CA GLN A 58 3.33 -23.88 -11.84
C GLN A 58 2.54 -22.80 -11.09
N ILE A 59 3.16 -21.64 -10.84
CA ILE A 59 2.49 -20.62 -10.05
C ILE A 59 2.50 -19.27 -10.76
N TYR A 60 3.03 -19.20 -11.98
CA TYR A 60 3.14 -17.93 -12.69
C TYR A 60 1.81 -17.20 -12.69
N ASP A 61 0.73 -17.97 -12.78
CA ASP A 61 -0.62 -17.44 -12.93
C ASP A 61 -1.21 -16.84 -11.66
N LYS A 62 -0.74 -17.31 -10.50
CA LYS A 62 -1.19 -16.81 -9.20
C LYS A 62 -0.76 -15.35 -8.92
N PHE A 63 0.20 -14.83 -9.71
CA PHE A 63 0.71 -13.47 -9.54
C PHE A 63 0.60 -12.81 -10.89
N PRO A 64 0.59 -11.47 -10.91
CA PRO A 64 0.39 -10.80 -12.19
C PRO A 64 1.44 -11.17 -13.23
N GLU A 65 1.19 -10.79 -14.47
CA GLU A 65 2.26 -10.67 -15.44
C GLU A 65 2.50 -9.16 -15.54
N LYS A 66 2.58 -8.54 -14.36
CA LYS A 66 2.53 -7.09 -14.17
C LYS A 66 3.37 -6.24 -15.14
N LYS A 67 4.68 -6.43 -15.25
CA LYS A 67 5.43 -7.62 -14.86
C LYS A 67 6.34 -7.47 -13.63
N GLY A 68 5.96 -6.64 -12.68
CA GLY A 68 6.56 -6.69 -11.36
C GLY A 68 6.11 -7.91 -10.57
N GLY A 69 5.39 -8.80 -11.25
CA GLY A 69 5.01 -10.09 -10.70
C GLY A 69 6.13 -11.08 -10.88
N LEU A 70 5.84 -12.34 -10.57
CA LEU A 70 6.87 -13.32 -10.31
C LEU A 70 7.73 -13.69 -11.52
N ARG A 71 7.09 -13.88 -12.67
CA ARG A 71 7.80 -14.41 -13.84
C ARG A 71 9.00 -13.54 -14.21
N GLU A 72 8.82 -12.22 -14.14
CA GLU A 72 9.85 -11.30 -14.59
C GLU A 72 10.99 -11.18 -13.57
N LEU A 73 10.63 -11.11 -12.29
CA LEU A 73 11.61 -11.07 -11.22
C LEU A 73 12.57 -12.26 -11.26
N TYR A 74 12.02 -13.44 -11.52
CA TYR A 74 12.81 -14.66 -11.54
C TYR A 74 13.81 -14.72 -12.70
N ASP A 75 13.42 -14.16 -13.85
CA ASP A 75 14.28 -14.09 -15.03
C ASP A 75 15.58 -13.35 -14.73
N ARG A 76 15.47 -12.29 -13.94
CA ARG A 76 16.62 -11.46 -13.56
C ARG A 76 17.34 -11.99 -12.33
N GLY A 77 16.78 -13.02 -11.72
CA GLY A 77 17.43 -13.73 -10.64
C GLY A 77 17.94 -12.85 -9.50
N PRO A 78 18.82 -13.41 -8.66
CA PRO A 78 19.35 -14.77 -8.73
C PRO A 78 18.29 -15.79 -8.34
N PRO A 79 18.23 -16.96 -9.00
CA PRO A 79 17.20 -17.98 -8.69
C PRO A 79 17.24 -18.58 -7.27
N HIS A 80 18.40 -18.64 -6.62
CA HIS A 80 18.51 -19.20 -5.26
C HIS A 80 17.85 -18.28 -4.22
N ALA A 81 17.49 -17.06 -4.62
CA ALA A 81 16.87 -16.10 -3.69
C ALA A 81 15.35 -16.28 -3.55
N PHE A 82 14.77 -17.16 -4.36
CA PHE A 82 13.31 -17.25 -4.46
C PHE A 82 12.67 -18.40 -3.75
N PHE A 83 11.75 -18.13 -2.81
CA PHE A 83 11.12 -19.22 -2.03
C PHE A 83 9.59 -19.26 -2.07
N LEU A 84 9.01 -20.45 -1.84
CA LEU A 84 7.58 -20.58 -1.67
C LEU A 84 7.25 -21.10 -0.28
N VAL A 85 6.34 -20.40 0.42
CA VAL A 85 5.79 -20.85 1.68
C VAL A 85 4.29 -21.21 1.52
N LYS A 86 3.91 -22.35 2.04
CA LYS A 86 2.52 -22.74 2.02
C LYS A 86 2.13 -22.73 3.50
N PHE A 87 1.15 -21.89 3.86
CA PHE A 87 0.65 -21.90 5.23
C PHE A 87 -0.69 -22.63 5.35
N TRP A 88 -0.83 -23.37 6.43
CA TRP A 88 -2.15 -23.81 6.86
C TRP A 88 -2.45 -23.00 8.10
N ALA A 89 -3.33 -22.03 7.94
CA ALA A 89 -3.56 -21.02 8.98
C ALA A 89 -4.55 -21.45 10.02
N ASP A 90 -4.41 -20.84 11.18
CA ASP A 90 -5.31 -21.06 12.29
C ASP A 90 -6.23 -19.85 12.48
N LEU A 91 -7.48 -19.97 12.05
CA LEU A 91 -8.43 -18.85 12.06
C LEU A 91 -9.49 -18.87 13.18
N ASN A 92 -9.30 -19.70 14.22
CA ASN A 92 -10.28 -19.80 15.30
C ASN A 92 -9.86 -18.96 16.50
N TRP A 93 -10.53 -17.81 16.72
CA TRP A 93 -10.31 -16.96 17.90
C TRP A 93 -11.58 -16.21 18.29
N GLY A 110 -9.78 -4.57 18.55
CA GLY A 110 -8.84 -5.63 18.22
C GLY A 110 -7.67 -5.14 17.36
N PHE A 111 -6.45 -5.54 17.69
CA PHE A 111 -5.27 -5.11 16.94
C PHE A 111 -4.61 -6.24 16.09
N TYR A 112 -4.58 -6.04 14.78
CA TYR A 112 -4.00 -6.99 13.82
C TYR A 112 -2.62 -6.53 13.39
N GLY A 113 -1.65 -7.45 13.45
CA GLY A 113 -0.27 -7.09 13.24
C GLY A 113 0.55 -8.19 12.65
N VAL A 114 1.69 -7.80 12.09
CA VAL A 114 2.65 -8.68 11.48
C VAL A 114 4.00 -8.31 12.02
N SER A 115 4.80 -9.33 12.30
CA SER A 115 6.14 -9.14 12.86
C SER A 115 7.12 -9.98 12.07
N SER A 116 8.14 -9.34 11.53
CA SER A 116 9.23 -10.02 10.83
C SER A 116 10.60 -9.71 11.45
N GLN A 117 11.50 -10.68 11.39
CA GLN A 117 12.88 -10.53 11.85
C GLN A 117 13.84 -11.22 10.90
N TYR A 118 14.85 -10.50 10.46
CA TYR A 118 15.83 -11.06 9.58
C TYR A 118 17.17 -10.83 10.22
N GLU A 119 18.19 -11.49 9.72
CA GLU A 119 19.53 -11.20 10.20
C GLU A 119 20.56 -11.42 9.13
N SER A 120 21.70 -10.78 9.34
CA SER A 120 22.87 -10.94 8.49
C SER A 120 24.14 -10.52 9.21
N LEU A 121 25.27 -10.87 8.62
CA LEU A 121 26.56 -10.40 9.09
C LEU A 121 27.02 -9.09 8.46
N GLU A 122 26.29 -8.61 7.46
CA GLU A 122 26.62 -7.33 6.86
C GLU A 122 25.65 -6.31 7.39
N HIS A 123 26.14 -5.09 7.49
CA HIS A 123 25.31 -3.98 7.86
C HIS A 123 24.66 -3.47 6.60
N MET A 124 23.34 -3.52 6.56
CA MET A 124 22.62 -3.09 5.37
C MET A 124 21.46 -2.22 5.78
N THR A 125 20.85 -1.59 4.79
CA THR A 125 19.51 -1.10 4.94
C THR A 125 18.58 -1.82 3.94
N LEU A 126 17.46 -2.30 4.44
CA LEU A 126 16.58 -3.13 3.62
C LEU A 126 15.32 -2.40 3.18
N THR A 127 14.86 -2.72 1.97
CA THR A 127 13.53 -2.35 1.51
C THR A 127 12.75 -3.60 1.47
N CYS A 128 11.60 -3.60 2.11
CA CYS A 128 10.73 -4.79 2.06
C CYS A 128 9.44 -4.45 1.38
N SER A 129 9.19 -5.09 0.25
CA SER A 129 7.97 -4.89 -0.49
C SER A 129 7.01 -6.09 -0.49
N SER A 130 5.79 -5.90 0.02
CA SER A 130 4.79 -6.96 0.14
C SER A 130 3.62 -6.63 -0.71
N LYS A 131 3.25 -7.55 -1.61
CA LYS A 131 2.12 -7.36 -2.49
C LYS A 131 1.10 -8.48 -2.24
N VAL A 132 -0.15 -8.10 -2.20
CA VAL A 132 -1.26 -9.03 -2.16
C VAL A 132 -1.83 -9.10 -3.53
N CYS A 133 -2.14 -10.31 -3.93
CA CYS A 133 -2.69 -10.54 -5.25
C CYS A 133 -3.96 -11.33 -5.13
N SER A 134 -4.91 -10.97 -5.96
CA SER A 134 -6.24 -11.52 -5.83
C SER A 134 -6.70 -11.81 -7.22
N PHE A 135 -6.98 -13.08 -7.51
CA PHE A 135 -7.43 -13.47 -8.84
C PHE A 135 -6.46 -12.95 -9.90
N GLY A 136 -5.17 -13.01 -9.64
CA GLY A 136 -4.17 -12.58 -10.60
C GLY A 136 -3.75 -11.11 -10.49
N LYS A 137 -4.56 -10.32 -9.83
CA LYS A 137 -4.31 -8.88 -9.84
C LYS A 137 -3.82 -8.41 -8.48
N GLN A 138 -2.81 -7.56 -8.53
CA GLN A 138 -2.22 -6.97 -7.35
C GLN A 138 -3.17 -5.96 -6.77
N VAL A 139 -3.58 -6.16 -5.52
CA VAL A 139 -4.53 -5.24 -4.89
C VAL A 139 -3.94 -4.50 -3.69
N VAL A 140 -2.85 -5.00 -3.12
CA VAL A 140 -2.13 -4.22 -2.12
C VAL A 140 -0.65 -4.18 -2.42
N GLU A 141 -0.05 -3.01 -2.27
CA GLU A 141 1.40 -2.93 -2.11
C GLU A 141 1.84 -2.07 -0.90
N LYS A 142 2.66 -2.68 -0.04
CA LYS A 142 3.21 -2.07 1.16
C LYS A 142 4.72 -2.05 1.11
N VAL A 143 5.32 -0.88 1.21
CA VAL A 143 6.78 -0.75 1.11
C VAL A 143 7.37 -0.14 2.37
N GLU A 144 8.26 -0.88 3.01
CA GLU A 144 8.89 -0.49 4.27
C GLU A 144 10.41 -0.61 4.19
N THR A 145 11.09 0.19 5.01
CA THR A 145 12.53 0.08 5.17
C THR A 145 12.92 -0.14 6.64
N GLU A 146 14.03 -0.85 6.84
CA GLU A 146 14.52 -1.10 8.19
C GLU A 146 16.02 -1.08 8.16
N ARG A 147 16.57 -0.38 9.14
CA ARG A 147 17.99 -0.25 9.29
C ARG A 147 18.52 -1.39 10.13
N ALA A 148 19.72 -1.84 9.80
CA ALA A 148 20.38 -2.88 10.57
C ALA A 148 20.57 -2.41 12.00
N GLN A 149 20.46 -3.33 12.96
CA GLN A 149 20.78 -3.07 14.36
C GLN A 149 21.78 -4.12 14.90
N LEU A 150 22.77 -3.66 15.65
CA LEU A 150 23.78 -4.57 16.18
C LEU A 150 23.26 -5.34 17.39
N GLU A 151 23.41 -6.66 17.36
CA GLU A 151 23.06 -7.50 18.50
C GLU A 151 23.71 -8.88 18.42
N ASP A 152 24.52 -9.21 19.43
CA ASP A 152 25.11 -10.54 19.56
C ASP A 152 25.99 -10.91 18.37
N GLY A 153 26.86 -10.00 17.97
CA GLY A 153 27.73 -10.25 16.83
C GLY A 153 27.11 -10.35 15.45
N ARG A 154 25.82 -10.06 15.31
CA ARG A 154 25.14 -10.12 14.02
C ARG A 154 24.27 -8.87 13.87
N PHE A 155 23.83 -8.58 12.65
CA PHE A 155 22.86 -7.53 12.48
C PHE A 155 21.45 -8.14 12.34
N VAL A 156 20.50 -7.58 13.09
CA VAL A 156 19.11 -8.01 12.98
C VAL A 156 18.35 -6.89 12.32
N TYR A 157 17.29 -7.27 11.65
CA TYR A 157 16.42 -6.29 11.06
C TYR A 157 15.02 -6.59 11.57
N ARG A 158 14.57 -5.85 12.59
CA ARG A 158 13.28 -6.09 13.22
C ARG A 158 12.18 -5.17 12.66
N LEU A 159 11.17 -5.79 12.04
CA LEU A 159 9.96 -5.06 11.64
C LEU A 159 8.81 -5.59 12.48
N LEU A 160 8.58 -4.96 13.64
CA LEU A 160 7.74 -5.60 14.65
C LEU A 160 6.44 -4.87 14.81
N ARG A 161 5.40 -5.67 15.00
CA ARG A 161 4.03 -5.20 15.11
C ARG A 161 3.67 -4.13 14.10
N SER A 162 3.96 -4.39 12.82
CA SER A 162 3.37 -3.52 11.80
C SER A 162 1.84 -3.73 11.74
N PRO A 163 1.08 -2.64 11.74
CA PRO A 163 -0.36 -2.95 11.63
C PRO A 163 -0.69 -3.55 10.26
N MET A 164 -1.36 -4.68 10.33
CA MET A 164 -1.89 -5.33 9.16
C MET A 164 -2.82 -4.33 8.45
N CYS A 165 -2.67 -4.19 7.16
CA CYS A 165 -3.57 -3.31 6.42
C CYS A 165 -5.03 -3.72 6.55
N GLU A 166 -5.86 -2.72 6.38
CA GLU A 166 -7.29 -2.77 6.66
C GLU A 166 -8.00 -3.71 5.71
N TYR A 167 -7.54 -3.74 4.46
CA TYR A 167 -8.12 -4.60 3.46
C TYR A 167 -8.00 -6.03 3.98
N LEU A 168 -6.84 -6.40 4.49
CA LEU A 168 -6.62 -7.73 5.05
C LEU A 168 -7.45 -8.03 6.32
N VAL A 169 -7.49 -7.08 7.25
CA VAL A 169 -8.29 -7.24 8.47
C VAL A 169 -9.74 -7.52 8.08
N ASN A 170 -10.30 -6.68 7.22
CA ASN A 170 -11.69 -6.87 6.81
C ASN A 170 -11.87 -8.21 6.11
N PHE A 171 -10.95 -8.56 5.23
CA PHE A 171 -11.03 -9.82 4.56
C PHE A 171 -11.03 -10.97 5.58
N LEU A 172 -10.17 -10.89 6.58
CA LEU A 172 -10.10 -11.94 7.59
C LEU A 172 -11.41 -12.02 8.37
N HIS A 173 -12.04 -10.89 8.60
CA HIS A 173 -13.28 -10.94 9.37
C HIS A 173 -14.37 -11.63 8.58
N LYS A 174 -14.36 -11.48 7.26
CA LYS A 174 -15.36 -12.19 6.50
C LYS A 174 -15.03 -13.66 6.51
N LEU A 175 -13.78 -13.98 6.20
CA LEU A 175 -13.35 -15.36 6.07
C LEU A 175 -13.71 -16.15 7.32
N ARG A 176 -13.53 -15.52 8.48
CA ARG A 176 -13.86 -16.04 9.80
C ARG A 176 -15.32 -16.53 9.90
N GLN A 177 -16.22 -15.86 9.18
CA GLN A 177 -17.65 -16.14 9.18
C GLN A 177 -18.10 -17.42 8.43
N LEU A 178 -17.34 -17.84 7.42
CA LEU A 178 -17.77 -18.90 6.53
C LEU A 178 -18.07 -20.16 7.34
N PRO A 179 -19.10 -20.92 6.97
CA PRO A 179 -19.54 -22.04 7.80
C PRO A 179 -18.71 -23.32 7.69
N GLU A 180 -17.80 -23.37 6.73
CA GLU A 180 -17.11 -24.62 6.42
C GLU A 180 -15.67 -24.37 6.01
N ARG A 181 -14.77 -25.20 6.52
CA ARG A 181 -13.36 -25.06 6.19
C ARG A 181 -13.12 -25.17 4.68
N TYR A 182 -13.80 -26.11 4.01
CA TYR A 182 -13.64 -26.27 2.57
C TYR A 182 -14.04 -25.01 1.80
N MET A 183 -14.93 -24.19 2.34
CA MET A 183 -15.30 -22.91 1.67
C MET A 183 -14.21 -21.82 1.79
N MET A 184 -13.68 -21.69 3.00
CA MET A 184 -12.48 -20.88 3.24
C MET A 184 -11.35 -21.24 2.25
N ASN A 185 -11.02 -22.52 2.10
CA ASN A 185 -9.97 -22.92 1.17
C ASN A 185 -10.29 -22.61 -0.28
N SER A 186 -11.57 -22.66 -0.62
CA SER A 186 -11.97 -22.36 -1.97
C SER A 186 -11.75 -20.88 -2.19
N VAL A 187 -12.12 -20.07 -1.21
CA VAL A 187 -11.94 -18.64 -1.34
C VAL A 187 -10.43 -18.29 -1.41
N LEU A 188 -9.63 -18.97 -0.60
CA LEU A 188 -8.21 -18.65 -0.42
C LEU A 188 -7.32 -19.12 -1.60
N GLU A 189 -7.84 -20.03 -2.38
CA GLU A 189 -7.15 -20.52 -3.57
C GLU A 189 -6.78 -19.34 -4.50
N ASN A 190 -7.54 -18.24 -4.43
CA ASN A 190 -7.33 -17.09 -5.33
C ASN A 190 -6.51 -15.94 -4.73
N PHE A 191 -5.85 -16.15 -3.59
CA PHE A 191 -5.12 -15.08 -2.93
C PHE A 191 -3.71 -15.51 -2.63
N THR A 192 -2.76 -14.65 -2.98
CA THR A 192 -1.38 -14.94 -2.72
C THR A 192 -0.68 -13.69 -2.29
N ILE A 193 0.43 -13.84 -1.57
CA ILE A 193 1.23 -12.72 -1.17
C ILE A 193 2.62 -12.87 -1.72
N LEU A 194 3.25 -11.78 -2.10
CA LEU A 194 4.62 -11.83 -2.56
C LEU A 194 5.44 -10.83 -1.80
N GLN A 195 6.48 -11.30 -1.11
CA GLN A 195 7.47 -10.41 -0.42
C GLN A 195 8.82 -10.37 -1.10
N VAL A 196 9.30 -9.14 -1.29
CA VAL A 196 10.53 -8.87 -2.02
C VAL A 196 11.38 -7.99 -1.11
N VAL A 197 12.53 -8.52 -0.76
CA VAL A 197 13.49 -7.86 0.08
C VAL A 197 14.73 -7.55 -0.73
N THR A 198 15.07 -6.27 -0.78
CA THR A 198 16.20 -5.78 -1.56
C THR A 198 17.12 -4.96 -0.68
N ASN A 199 18.36 -4.84 -1.13
CA ASN A 199 19.31 -4.02 -0.46
C ASN A 199 19.05 -2.61 -0.97
N ARG A 200 18.61 -1.73 -0.09
CA ARG A 200 18.14 -0.45 -0.54
C ARG A 200 19.20 0.36 -1.26
N ASP A 201 20.46 0.20 -0.85
CA ASP A 201 21.53 1.02 -1.38
C ASP A 201 22.12 0.48 -2.69
N THR A 202 21.80 -0.75 -3.07
CA THR A 202 22.27 -1.28 -4.35
C THR A 202 21.13 -1.82 -5.22
N GLN A 203 19.95 -1.98 -4.62
CA GLN A 203 18.78 -2.47 -5.30
C GLN A 203 18.95 -3.95 -5.76
N GLU A 204 19.99 -4.62 -5.27
CA GLU A 204 20.08 -6.07 -5.34
C GLU A 204 18.98 -6.79 -4.56
N LEU A 205 18.31 -7.73 -5.21
CA LEU A 205 17.36 -8.59 -4.52
C LEU A 205 18.11 -9.46 -3.56
N LEU A 206 17.57 -9.69 -2.36
CA LEU A 206 18.20 -10.59 -1.41
C LEU A 206 17.27 -11.76 -1.09
N LEU A 207 15.97 -11.55 -1.25
CA LEU A 207 15.00 -12.56 -0.85
C LEU A 207 13.69 -12.26 -1.51
N CYS A 208 13.11 -13.27 -2.15
CA CYS A 208 11.82 -13.12 -2.74
C CYS A 208 11.00 -14.29 -2.35
N THR A 209 9.86 -14.06 -1.70
CA THR A 209 9.08 -15.13 -1.15
C THR A 209 7.61 -15.03 -1.56
N ALA A 210 7.06 -16.14 -2.04
CA ALA A 210 5.67 -16.21 -2.41
C ALA A 210 4.95 -16.94 -1.29
N TYR A 211 3.80 -16.46 -0.87
CA TYR A 211 2.97 -17.18 0.09
C TYR A 211 1.57 -17.59 -0.47
N VAL A 212 1.12 -18.78 -0.09
CA VAL A 212 -0.17 -19.30 -0.47
C VAL A 212 -0.74 -19.94 0.80
N PHE A 213 -2.04 -20.05 0.84
CA PHE A 213 -2.74 -20.20 2.10
C PHE A 213 -3.90 -21.17 2.02
N GLU A 214 -4.03 -21.94 3.09
CA GLU A 214 -5.22 -22.72 3.34
C GLU A 214 -5.49 -22.59 4.81
N VAL A 215 -6.55 -23.23 5.25
CA VAL A 215 -6.95 -23.17 6.62
C VAL A 215 -6.77 -24.59 7.21
N SER A 216 -6.29 -24.63 8.45
CA SER A 216 -6.21 -25.86 9.25
C SER A 216 -7.40 -25.91 10.20
N THR A 217 -7.70 -27.10 10.73
CA THR A 217 -8.67 -27.23 11.83
C THR A 217 -7.97 -26.81 13.10
N SER A 218 -8.70 -26.62 14.20
CA SER A 218 -8.10 -26.10 15.44
C SER A 218 -7.21 -27.17 16.13
N GLU A 219 -7.65 -28.42 16.01
CA GLU A 219 -6.88 -29.55 16.50
C GLU A 219 -5.48 -29.55 15.87
N ARG A 220 -5.42 -29.53 14.54
CA ARG A 220 -4.14 -29.39 13.86
C ARG A 220 -3.83 -27.89 13.86
N GLY A 221 -2.81 -27.47 14.56
CA GLY A 221 -2.58 -26.03 14.62
C GLY A 221 -2.08 -25.47 13.30
N ALA A 222 -1.67 -24.21 13.30
CA ALA A 222 -0.97 -23.65 12.14
C ALA A 222 0.23 -24.49 11.68
N GLN A 223 0.56 -24.38 10.40
CA GLN A 223 1.66 -25.12 9.88
C GLN A 223 2.14 -24.49 8.61
N HIS A 224 3.42 -24.68 8.33
CA HIS A 224 3.99 -24.13 7.12
C HIS A 224 4.93 -25.13 6.47
N HIS A 225 5.14 -24.98 5.17
CA HIS A 225 6.19 -25.74 4.52
C HIS A 225 6.91 -24.83 3.53
N ILE A 226 8.23 -24.84 3.58
CA ILE A 226 9.07 -23.97 2.77
C ILE A 226 9.73 -24.73 1.64
N TYR A 227 9.75 -24.13 0.44
CA TYR A 227 10.24 -24.79 -0.77
C TYR A 227 11.11 -23.88 -1.60
N ARG A 228 12.20 -24.41 -2.15
CA ARG A 228 12.94 -23.60 -3.11
C ARG A 228 12.12 -23.53 -4.41
N LEU A 229 12.23 -22.45 -5.15
CA LEU A 229 11.59 -22.34 -6.45
C LEU A 229 12.61 -22.54 -7.56
N VAL A 230 12.29 -23.39 -8.53
CA VAL A 230 13.20 -23.73 -9.61
C VAL A 230 12.49 -23.71 -10.94
N ARG A 231 13.25 -23.83 -12.03
CA ARG A 231 12.64 -23.92 -13.36
C ARG A 231 13.37 -24.90 -14.27
N ALA B 5 -9.47 25.63 9.80
CA ALA B 5 -8.36 25.43 8.86
C ALA B 5 -8.57 26.24 7.58
N ARG B 6 -7.47 26.86 7.12
CA ARG B 6 -7.46 27.69 5.92
C ARG B 6 -6.84 26.96 4.71
N GLY B 7 -6.10 25.88 4.95
CA GLY B 7 -5.49 25.08 3.90
C GLY B 7 -5.45 23.59 4.25
N LEU B 8 -4.90 22.75 3.37
CA LEU B 8 -4.88 21.31 3.60
C LEU B 8 -3.68 20.91 4.46
N GLY B 9 -3.90 20.86 5.75
CA GLY B 9 -2.85 20.52 6.66
C GLY B 9 -3.34 20.87 8.03
N THR B 10 -2.59 20.44 9.04
CA THR B 10 -2.84 20.76 10.44
C THR B 10 -1.59 21.48 10.94
N ALA B 11 -1.55 21.94 12.19
CA ALA B 11 -0.29 22.48 12.77
C ALA B 11 0.80 21.41 12.82
N ARG B 12 0.35 20.17 12.80
CA ARG B 12 1.20 19.03 12.93
C ARG B 12 1.76 18.51 11.61
N LEU B 13 1.00 18.66 10.53
CA LEU B 13 1.51 18.19 9.25
C LEU B 13 0.82 18.90 8.11
N GLN B 14 1.58 19.52 7.20
CA GLN B 14 1.01 20.22 6.06
C GLN B 14 1.42 19.59 4.77
N LEU B 15 0.45 19.49 3.87
CA LEU B 15 0.73 19.22 2.47
C LEU B 15 1.43 20.42 1.82
N VAL B 16 2.63 20.22 1.29
CA VAL B 16 3.28 21.28 0.59
C VAL B 16 2.91 21.20 -0.86
N GLU B 17 3.01 20.01 -1.41
CA GLU B 17 2.92 19.85 -2.85
C GLU B 17 2.44 18.45 -3.21
N PHE B 18 1.61 18.38 -4.23
CA PHE B 18 1.12 17.12 -4.72
C PHE B 18 0.80 17.20 -6.21
N SER B 19 1.17 16.14 -6.91
CA SER B 19 0.97 16.08 -8.35
C SER B 19 0.97 14.68 -8.85
N ALA B 20 0.20 14.48 -9.93
CA ALA B 20 0.20 13.24 -10.66
C ALA B 20 0.50 13.62 -12.08
N PHE B 21 1.38 12.88 -12.77
CA PHE B 21 1.93 13.38 -14.03
C PHE B 21 2.39 12.30 -14.98
N VAL B 22 2.59 12.68 -16.24
CA VAL B 22 3.24 11.78 -17.21
C VAL B 22 4.34 12.53 -17.96
N GLU B 23 5.47 11.88 -18.14
CA GLU B 23 6.59 12.41 -18.90
C GLU B 23 6.68 11.61 -20.16
N PRO B 24 6.54 12.26 -21.31
CA PRO B 24 6.60 11.45 -22.54
C PRO B 24 7.97 10.83 -22.75
N PRO B 25 8.07 9.74 -23.52
CA PRO B 25 9.35 9.04 -23.77
C PRO B 25 10.51 9.94 -24.22
N ASP B 26 10.23 11.07 -24.82
CA ASP B 26 11.28 11.95 -25.29
C ASP B 26 11.55 13.09 -24.32
N ALA B 27 11.20 12.91 -23.05
CA ALA B 27 11.44 13.97 -22.07
C ALA B 27 12.93 14.07 -21.81
N VAL B 28 13.67 13.07 -22.27
CA VAL B 28 15.14 13.04 -22.23
C VAL B 28 15.80 14.07 -23.15
N ASP B 29 15.08 14.54 -24.16
CA ASP B 29 15.61 15.53 -25.10
C ASP B 29 15.21 16.95 -24.71
N SER B 30 13.92 17.25 -24.83
CA SER B 30 13.35 18.46 -24.27
C SER B 30 12.36 18.04 -23.17
N TYR B 31 12.68 18.32 -21.92
CA TYR B 31 11.86 17.86 -20.80
C TYR B 31 10.48 18.51 -20.79
N GLN B 32 9.47 17.70 -20.51
CA GLN B 32 8.15 18.20 -20.24
C GLN B 32 7.42 17.14 -19.43
N ARG B 33 6.43 17.56 -18.66
CA ARG B 33 5.56 16.63 -17.97
C ARG B 33 4.18 17.19 -18.19
N HIS B 34 3.20 16.32 -18.29
CA HIS B 34 1.80 16.68 -18.28
C HIS B 34 1.28 16.43 -16.86
N LEU B 35 0.63 17.43 -16.27
CA LEU B 35 0.03 17.29 -14.94
C LEU B 35 -1.42 16.91 -15.05
N PHE B 36 -1.76 15.73 -14.53
CA PHE B 36 -3.14 15.29 -14.50
C PHE B 36 -3.87 16.12 -13.43
N VAL B 37 -3.25 16.25 -12.28
CA VAL B 37 -3.78 17.01 -11.14
C VAL B 37 -2.57 17.58 -10.35
N HIS B 38 -2.79 18.65 -9.63
CA HIS B 38 -1.67 19.34 -8.99
C HIS B 38 -2.15 20.22 -7.85
N ILE B 39 -1.52 20.12 -6.69
CA ILE B 39 -1.75 21.03 -5.57
C ILE B 39 -0.40 21.65 -5.15
N SER B 40 -0.32 22.98 -5.06
CA SER B 40 0.82 23.60 -4.38
C SER B 40 0.36 24.57 -3.31
N GLN B 41 0.93 24.47 -2.11
CA GLN B 41 0.51 25.30 -0.97
C GLN B 41 1.67 26.08 -0.34
N ALA B 48 -6.56 34.02 3.19
CA ALA B 48 -6.88 34.24 4.61
C ALA B 48 -8.21 33.54 5.06
N PRO B 49 -9.19 33.34 4.15
CA PRO B 49 -10.46 32.79 4.67
C PRO B 49 -10.37 31.36 5.19
N PRO B 50 -11.37 30.94 5.96
CA PRO B 50 -11.45 29.52 6.28
C PRO B 50 -11.94 28.72 5.07
N LEU B 51 -11.61 27.45 5.02
CA LEU B 51 -12.14 26.60 3.96
C LEU B 51 -13.62 26.38 4.21
N GLU B 52 -14.36 26.20 3.13
CA GLU B 52 -15.69 25.68 3.19
C GLU B 52 -15.70 24.29 3.77
N SER B 53 -16.89 23.84 4.13
CA SER B 53 -17.16 22.55 4.79
C SER B 53 -18.02 21.64 3.93
N VAL B 54 -17.85 20.35 4.15
CA VAL B 54 -18.74 19.34 3.61
C VAL B 54 -19.02 18.35 4.70
N ASP B 55 -20.29 17.95 4.86
CA ASP B 55 -20.64 16.99 5.88
C ASP B 55 -20.32 15.56 5.49
N VAL B 56 -19.45 14.96 6.28
CA VAL B 56 -18.85 13.70 5.93
C VAL B 56 -19.85 12.59 5.83
N ARG B 57 -21.01 12.74 6.46
CA ARG B 57 -22.01 11.67 6.46
C ARG B 57 -22.48 11.48 5.01
N GLN B 58 -22.32 12.50 4.19
CA GLN B 58 -22.83 12.48 2.82
C GLN B 58 -21.94 11.70 1.85
N ILE B 59 -20.75 11.29 2.26
CA ILE B 59 -19.89 10.58 1.33
C ILE B 59 -19.42 9.26 1.92
N TYR B 60 -19.98 8.89 3.09
CA TYR B 60 -19.67 7.60 3.71
C TYR B 60 -19.71 6.46 2.70
N ASP B 61 -20.75 6.44 1.87
CA ASP B 61 -21.01 5.27 1.06
C ASP B 61 -20.00 5.18 -0.09
N LYS B 62 -19.28 6.28 -0.36
CA LYS B 62 -18.39 6.31 -1.52
C LYS B 62 -17.01 5.76 -1.19
N PHE B 63 -16.80 5.32 0.03
CA PHE B 63 -15.50 4.83 0.45
C PHE B 63 -15.62 3.47 1.09
N PRO B 64 -14.48 2.85 1.40
CA PRO B 64 -14.66 1.46 1.82
C PRO B 64 -15.48 1.31 3.09
N GLU B 65 -15.90 0.07 3.28
CA GLU B 65 -16.37 -0.42 4.55
C GLU B 65 -15.40 -1.54 4.92
N LYS B 66 -15.04 -1.71 6.19
CA LYS B 66 -15.53 -0.96 7.33
C LYS B 66 -14.30 -0.33 8.01
N LYS B 67 -13.49 -1.15 8.68
CA LYS B 67 -12.13 -0.74 9.05
C LYS B 67 -11.48 0.00 7.87
N GLY B 68 -11.03 1.23 8.12
CA GLY B 68 -10.36 2.02 7.09
C GLY B 68 -11.32 2.72 6.13
N GLY B 69 -12.62 2.61 6.40
CA GLY B 69 -13.60 3.48 5.76
C GLY B 69 -13.81 4.75 6.57
N LEU B 70 -14.50 5.74 6.01
CA LEU B 70 -14.52 7.06 6.61
C LEU B 70 -15.19 7.09 7.97
N ARG B 71 -16.27 6.36 8.16
CA ARG B 71 -16.99 6.51 9.40
C ARG B 71 -16.09 6.10 10.53
N GLU B 72 -15.37 4.99 10.35
CA GLU B 72 -14.56 4.50 11.45
C GLU B 72 -13.36 5.40 11.66
N LEU B 73 -12.71 5.82 10.59
CA LEU B 73 -11.63 6.80 10.74
C LEU B 73 -12.05 8.08 11.42
N TYR B 74 -13.17 8.64 11.00
CA TYR B 74 -13.62 9.88 11.59
C TYR B 74 -13.90 9.69 13.08
N ASP B 75 -14.45 8.54 13.46
CA ASP B 75 -14.66 8.20 14.88
C ASP B 75 -13.37 8.12 15.70
N ARG B 76 -12.32 7.55 15.14
CA ARG B 76 -11.04 7.55 15.82
C ARG B 76 -10.51 8.98 15.94
N GLY B 77 -10.70 9.77 14.89
CA GLY B 77 -10.27 11.16 14.94
C GLY B 77 -8.78 11.31 14.72
N PRO B 78 -8.25 12.54 14.86
CA PRO B 78 -9.03 13.72 15.24
C PRO B 78 -9.82 14.31 14.10
N PRO B 79 -11.05 14.77 14.40
CA PRO B 79 -11.92 15.36 13.38
C PRO B 79 -11.28 16.45 12.57
N HIS B 80 -10.31 17.19 13.13
CA HIS B 80 -9.85 18.36 12.38
C HIS B 80 -8.89 17.95 11.28
N ALA B 81 -8.51 16.67 11.21
CA ALA B 81 -7.54 16.22 10.23
C ALA B 81 -8.13 15.80 8.90
N PHE B 82 -9.43 16.03 8.68
CA PHE B 82 -10.13 15.49 7.51
C PHE B 82 -10.52 16.54 6.46
N PHE B 83 -10.04 16.28 5.25
CA PHE B 83 -10.31 17.13 4.13
C PHE B 83 -10.89 16.36 2.94
N LEU B 84 -11.59 17.09 2.09
CA LEU B 84 -12.09 16.64 0.78
C LEU B 84 -11.46 17.50 -0.31
N VAL B 85 -10.86 16.88 -1.32
CA VAL B 85 -10.40 17.61 -2.48
C VAL B 85 -11.19 17.20 -3.70
N LYS B 86 -11.90 18.16 -4.30
CA LYS B 86 -12.44 17.97 -5.66
C LYS B 86 -11.40 18.35 -6.68
N PHE B 87 -11.14 17.44 -7.60
CA PHE B 87 -10.23 17.69 -8.72
C PHE B 87 -10.96 17.72 -10.05
N TRP B 88 -10.64 18.73 -10.84
CA TRP B 88 -10.88 18.71 -12.27
C TRP B 88 -9.60 18.29 -12.99
N ALA B 89 -9.61 17.08 -13.52
CA ALA B 89 -8.38 16.52 -14.07
C ALA B 89 -8.21 16.81 -15.54
N ASP B 90 -6.94 16.96 -15.91
CA ASP B 90 -6.52 17.23 -17.27
C ASP B 90 -6.09 15.94 -17.95
N LEU B 91 -6.95 15.44 -18.84
CA LEU B 91 -6.69 14.17 -19.56
C LEU B 91 -6.35 14.40 -21.02
N ASN B 92 -5.81 15.59 -21.31
CA ASN B 92 -5.55 16.02 -22.66
C ASN B 92 -4.04 16.06 -22.94
N TRP B 93 -3.45 14.94 -23.38
CA TRP B 93 -1.99 14.89 -23.48
C TRP B 93 -1.40 14.09 -24.68
N GLY B 109 3.92 5.05 -24.88
CA GLY B 109 4.65 4.86 -23.65
C GLY B 109 4.79 6.12 -22.82
N GLY B 110 5.83 6.18 -21.98
CA GLY B 110 6.08 7.30 -21.08
C GLY B 110 6.17 6.94 -19.60
N PHE B 111 6.54 7.88 -18.73
CA PHE B 111 6.60 7.60 -17.29
C PHE B 111 5.43 8.22 -16.51
N TYR B 112 4.70 7.41 -15.71
CA TYR B 112 3.55 7.89 -14.93
C TYR B 112 3.88 7.90 -13.46
N GLY B 113 3.69 9.02 -12.79
CA GLY B 113 4.15 9.12 -11.42
C GLY B 113 3.29 10.02 -10.61
N VAL B 114 3.53 9.95 -9.31
CA VAL B 114 2.84 10.73 -8.28
C VAL B 114 3.92 11.24 -7.36
N SER B 115 3.79 12.48 -6.95
CA SER B 115 4.75 13.09 -6.09
C SER B 115 4.05 13.86 -5.00
N SER B 116 4.56 13.66 -3.78
CA SER B 116 3.96 14.21 -2.57
C SER B 116 5.02 14.78 -1.67
N GLN B 117 4.73 15.95 -1.10
CA GLN B 117 5.60 16.46 -0.07
C GLN B 117 4.85 17.11 1.08
N TYR B 118 5.32 16.80 2.29
CA TYR B 118 4.73 17.31 3.51
C TYR B 118 5.78 17.89 4.46
N GLU B 119 5.33 18.74 5.36
CA GLU B 119 6.18 19.35 6.35
C GLU B 119 5.65 19.25 7.75
N SER B 120 6.54 19.29 8.71
CA SER B 120 6.14 19.41 10.07
C SER B 120 7.28 20.09 10.87
N LEU B 121 6.96 20.57 12.08
CA LEU B 121 8.03 20.88 13.01
C LEU B 121 8.54 19.71 13.81
N GLU B 122 7.84 18.57 13.85
CA GLU B 122 8.37 17.42 14.55
C GLU B 122 8.92 16.39 13.59
N HIS B 123 9.97 15.72 14.08
CA HIS B 123 10.64 14.62 13.41
C HIS B 123 9.80 13.38 13.66
N MET B 124 9.31 12.80 12.58
CA MET B 124 8.47 11.61 12.65
C MET B 124 8.87 10.66 11.56
N THR B 125 8.32 9.47 11.66
CA THR B 125 8.24 8.58 10.53
C THR B 125 6.79 8.39 10.14
N LEU B 126 6.47 8.65 8.87
CA LEU B 126 5.08 8.58 8.42
C LEU B 126 4.81 7.35 7.60
N THR B 127 3.61 6.83 7.77
CA THR B 127 2.99 5.85 6.88
C THR B 127 1.90 6.52 6.04
N CYS B 128 1.97 6.30 4.73
CA CYS B 128 1.04 6.90 3.81
C CYS B 128 0.34 5.84 3.05
N SER B 129 -0.96 5.71 3.30
CA SER B 129 -1.77 4.76 2.57
C SER B 129 -2.73 5.45 1.60
N SER B 130 -2.80 4.94 0.37
CA SER B 130 -3.74 5.44 -0.65
C SER B 130 -4.63 4.34 -1.19
N LYS B 131 -5.93 4.47 -1.01
CA LYS B 131 -6.89 3.48 -1.46
C LYS B 131 -7.74 4.02 -2.59
N VAL B 132 -7.80 3.27 -3.68
CA VAL B 132 -8.69 3.55 -4.78
C VAL B 132 -9.97 2.78 -4.51
N CYS B 133 -11.11 3.44 -4.63
CA CYS B 133 -12.37 2.75 -4.47
C CYS B 133 -13.28 2.88 -5.66
N SER B 134 -13.97 1.80 -6.00
CA SER B 134 -14.95 1.80 -7.09
C SER B 134 -16.32 1.42 -6.57
N PHE B 135 -17.28 2.29 -6.77
CA PHE B 135 -18.60 2.07 -6.16
C PHE B 135 -18.43 1.75 -4.67
N GLY B 136 -17.51 2.45 -4.03
CA GLY B 136 -17.33 2.37 -2.58
C GLY B 136 -16.79 1.04 -2.06
N LYS B 137 -16.23 0.24 -2.95
CA LYS B 137 -15.52 -0.97 -2.55
C LYS B 137 -14.07 -0.76 -2.89
N GLN B 138 -13.21 -1.06 -1.93
CA GLN B 138 -11.82 -0.80 -2.12
C GLN B 138 -11.31 -1.70 -3.23
N VAL B 139 -10.37 -1.23 -4.07
CA VAL B 139 -9.92 -2.03 -5.24
C VAL B 139 -8.41 -2.07 -5.40
N VAL B 140 -7.70 -1.01 -5.04
CA VAL B 140 -6.23 -1.10 -4.88
C VAL B 140 -5.80 -0.28 -3.68
N GLU B 141 -4.64 -0.63 -3.15
CA GLU B 141 -4.09 0.08 -2.03
C GLU B 141 -2.59 0.08 -2.11
N LYS B 142 -2.00 1.23 -1.77
CA LYS B 142 -0.55 1.43 -1.81
C LYS B 142 -0.13 2.02 -0.48
N VAL B 143 0.87 1.44 0.16
CA VAL B 143 1.27 1.88 1.48
C VAL B 143 2.76 2.16 1.47
N GLU B 144 3.17 3.33 1.97
CA GLU B 144 4.57 3.78 1.85
C GLU B 144 4.98 4.31 3.18
N THR B 145 6.25 4.13 3.55
CA THR B 145 6.76 4.86 4.71
C THR B 145 7.81 5.89 4.29
N GLU B 146 7.85 6.97 5.03
CA GLU B 146 8.86 8.00 4.84
C GLU B 146 9.32 8.65 6.13
N ARG B 147 10.64 8.61 6.35
CA ARG B 147 11.30 9.23 7.49
C ARG B 147 11.59 10.70 7.19
N ALA B 148 11.44 11.57 8.20
CA ALA B 148 11.73 12.97 8.09
C ALA B 148 13.16 13.22 7.63
N GLN B 149 13.33 14.35 6.99
CA GLN B 149 14.62 14.86 6.58
C GLN B 149 14.62 16.29 6.94
N LEU B 150 15.77 16.77 7.37
CA LEU B 150 15.88 18.15 7.85
C LEU B 150 15.92 19.11 6.66
N GLU B 151 15.57 20.34 6.92
CA GLU B 151 15.35 21.32 5.88
C GLU B 151 15.44 22.62 6.64
N ASP B 152 15.28 23.75 5.94
CA ASP B 152 15.39 25.08 6.56
C ASP B 152 14.28 25.35 7.60
N GLY B 153 14.62 25.22 8.88
CA GLY B 153 13.69 25.42 9.98
C GLY B 153 12.48 24.49 10.05
N ARG B 154 12.54 23.32 9.42
CA ARG B 154 11.46 22.37 9.50
C ARG B 154 11.87 21.01 8.90
N PHE B 155 11.04 20.00 9.14
CA PHE B 155 11.27 18.68 8.56
C PHE B 155 10.44 18.54 7.28
N VAL B 156 10.93 17.78 6.32
CA VAL B 156 10.15 17.50 5.14
C VAL B 156 10.09 16.01 4.98
N TYR B 157 8.99 15.60 4.38
CA TYR B 157 8.69 14.24 4.08
C TYR B 157 8.46 14.18 2.61
N ARG B 158 9.33 13.48 1.92
CA ARG B 158 9.40 13.56 0.46
C ARG B 158 9.09 12.20 -0.15
N LEU B 159 7.93 12.08 -0.80
CA LEU B 159 7.62 10.87 -1.52
C LEU B 159 7.49 11.24 -2.99
N LEU B 160 8.62 11.28 -3.69
CA LEU B 160 8.66 11.89 -4.99
C LEU B 160 8.88 10.86 -6.07
N ARG B 161 8.14 11.04 -7.16
CA ARG B 161 8.25 10.20 -8.33
C ARG B 161 7.93 8.72 -8.09
N SER B 162 6.89 8.40 -7.33
CA SER B 162 6.51 7.00 -7.16
C SER B 162 5.85 6.61 -8.44
N PRO B 163 6.23 5.44 -8.99
CA PRO B 163 5.55 5.01 -10.21
C PRO B 163 4.06 4.76 -9.93
N MET B 164 3.22 5.29 -10.80
CA MET B 164 1.77 5.05 -10.80
C MET B 164 1.54 3.58 -11.11
N CYS B 165 0.80 2.87 -10.27
CA CYS B 165 0.58 1.44 -10.61
C CYS B 165 -0.19 1.24 -11.91
N GLU B 166 -0.02 0.05 -12.51
CA GLU B 166 -0.56 -0.31 -13.82
C GLU B 166 -2.08 -0.09 -13.90
N TYR B 167 -2.78 -0.31 -12.79
CA TYR B 167 -4.21 -0.12 -12.77
C TYR B 167 -4.57 1.29 -13.20
N LEU B 168 -3.97 2.28 -12.55
CA LEU B 168 -4.38 3.65 -12.80
C LEU B 168 -3.97 4.07 -14.23
N VAL B 169 -2.78 3.67 -14.68
CA VAL B 169 -2.32 4.07 -16.00
C VAL B 169 -3.27 3.54 -17.03
N ASN B 170 -3.73 2.31 -16.83
CA ASN B 170 -4.66 1.67 -17.77
C ASN B 170 -6.01 2.36 -17.72
N PHE B 171 -6.48 2.67 -16.52
CA PHE B 171 -7.72 3.40 -16.38
C PHE B 171 -7.62 4.71 -17.17
N LEU B 172 -6.53 5.45 -16.98
CA LEU B 172 -6.37 6.73 -17.66
C LEU B 172 -6.45 6.58 -19.14
N HIS B 173 -5.89 5.52 -19.70
CA HIS B 173 -5.88 5.44 -21.15
C HIS B 173 -7.26 5.10 -21.66
N LYS B 174 -7.95 4.21 -20.95
CA LYS B 174 -9.32 3.90 -21.29
C LYS B 174 -10.15 5.16 -21.16
N LEU B 175 -10.05 5.84 -20.01
CA LEU B 175 -10.90 7.00 -19.78
C LEU B 175 -10.73 8.00 -20.89
N ARG B 176 -9.48 8.17 -21.30
CA ARG B 176 -9.08 9.15 -22.30
C ARG B 176 -9.85 9.00 -23.60
N GLN B 177 -10.26 7.77 -23.91
CA GLN B 177 -10.73 7.43 -25.25
C GLN B 177 -12.25 7.41 -25.37
N LEU B 178 -12.94 7.74 -24.30
CA LEU B 178 -14.38 7.91 -24.31
C LEU B 178 -14.80 9.07 -25.24
N PRO B 179 -15.95 8.94 -25.91
CA PRO B 179 -16.34 9.95 -26.92
C PRO B 179 -16.93 11.26 -26.39
N GLU B 180 -17.29 11.31 -25.11
CA GLU B 180 -17.98 12.46 -24.53
C GLU B 180 -17.52 12.65 -23.09
N ARG B 181 -17.36 13.92 -22.72
CA ARG B 181 -16.93 14.33 -21.41
C ARG B 181 -17.95 13.93 -20.34
N TYR B 182 -19.24 13.97 -20.65
CA TYR B 182 -20.23 13.66 -19.63
C TYR B 182 -20.13 12.17 -19.30
N MET B 183 -19.65 11.35 -20.24
CA MET B 183 -19.48 9.90 -19.96
C MET B 183 -18.27 9.71 -19.06
N MET B 184 -17.20 10.43 -19.36
CA MET B 184 -16.01 10.45 -18.48
C MET B 184 -16.42 10.79 -17.08
N ASN B 185 -17.23 11.82 -16.92
CA ASN B 185 -17.61 12.24 -15.57
C ASN B 185 -18.59 11.26 -14.94
N SER B 186 -19.41 10.58 -15.76
CA SER B 186 -20.31 9.54 -15.25
C SER B 186 -19.51 8.39 -14.65
N VAL B 187 -18.48 7.94 -15.38
CA VAL B 187 -17.58 6.92 -14.86
C VAL B 187 -16.87 7.38 -13.57
N LEU B 188 -16.35 8.61 -13.55
CA LEU B 188 -15.60 9.10 -12.34
C LEU B 188 -16.53 9.37 -11.11
N GLU B 189 -17.84 9.46 -11.31
CA GLU B 189 -18.73 9.59 -10.14
C GLU B 189 -18.51 8.41 -9.18
N ASN B 190 -18.13 7.27 -9.72
CA ASN B 190 -18.02 6.08 -8.91
C ASN B 190 -16.57 5.69 -8.51
N PHE B 191 -15.65 6.63 -8.64
CA PHE B 191 -14.24 6.43 -8.27
C PHE B 191 -13.75 7.49 -7.37
N THR B 192 -13.11 7.04 -6.32
CA THR B 192 -12.60 7.92 -5.27
C THR B 192 -11.26 7.44 -4.76
N ILE B 193 -10.48 8.33 -4.18
CA ILE B 193 -9.25 7.93 -3.56
C ILE B 193 -9.24 8.43 -2.12
N LEU B 194 -8.83 7.57 -1.24
CA LEU B 194 -8.66 8.00 0.11
C LEU B 194 -7.19 7.82 0.59
N GLN B 195 -6.60 8.92 1.01
CA GLN B 195 -5.30 8.97 1.65
C GLN B 195 -5.34 9.13 3.14
N VAL B 196 -4.52 8.33 3.80
CA VAL B 196 -4.45 8.29 5.26
C VAL B 196 -2.96 8.33 5.64
N VAL B 197 -2.56 9.43 6.27
CA VAL B 197 -1.20 9.64 6.74
C VAL B 197 -1.22 9.52 8.25
N THR B 198 -0.40 8.61 8.77
CA THR B 198 -0.34 8.37 10.18
C THR B 198 1.09 8.37 10.68
N ASN B 199 1.22 8.58 11.98
CA ASN B 199 2.49 8.54 12.62
C ASN B 199 2.77 7.08 12.82
N ARG B 200 3.75 6.55 12.11
CA ARG B 200 4.10 5.13 12.16
C ARG B 200 4.43 4.63 13.56
N ASP B 201 5.08 5.42 14.37
CA ASP B 201 5.51 4.88 15.67
C ASP B 201 4.34 4.83 16.68
N THR B 202 3.46 5.81 16.63
CA THR B 202 2.40 5.94 17.61
C THR B 202 1.01 5.53 17.11
N GLN B 203 0.88 5.28 15.80
CA GLN B 203 -0.40 4.99 15.19
C GLN B 203 -1.37 6.21 15.15
N GLU B 204 -0.89 7.40 15.42
CA GLU B 204 -1.75 8.60 15.35
C GLU B 204 -2.07 8.96 13.92
N LEU B 205 -3.34 9.25 13.66
CA LEU B 205 -3.72 9.87 12.38
C LEU B 205 -3.27 11.34 12.33
N LEU B 206 -2.64 11.74 11.23
CA LEU B 206 -2.16 13.09 11.08
C LEU B 206 -2.98 13.85 10.06
N LEU B 207 -3.40 13.14 9.05
CA LEU B 207 -4.06 13.79 7.93
C LEU B 207 -4.82 12.74 7.14
N CYS B 208 -6.04 13.06 6.78
CA CYS B 208 -6.81 12.12 5.96
C CYS B 208 -7.56 12.91 4.91
N THR B 209 -7.34 12.56 3.64
CA THR B 209 -7.92 13.27 2.52
C THR B 209 -8.73 12.35 1.56
N ALA B 210 -9.97 12.71 1.31
CA ALA B 210 -10.82 12.08 0.31
C ALA B 210 -10.68 12.88 -0.98
N TYR B 211 -10.49 12.20 -2.10
CA TYR B 211 -10.45 12.83 -3.41
C TYR B 211 -11.56 12.38 -4.31
N VAL B 212 -12.22 13.34 -4.98
CA VAL B 212 -13.18 13.07 -5.99
C VAL B 212 -12.81 13.86 -7.24
N PHE B 213 -13.28 13.33 -8.37
CA PHE B 213 -12.76 13.65 -9.69
C PHE B 213 -13.85 13.93 -10.71
N GLU B 214 -13.62 15.01 -11.46
CA GLU B 214 -14.20 15.26 -12.73
C GLU B 214 -13.12 15.44 -13.79
N VAL B 215 -13.49 15.52 -15.07
CA VAL B 215 -12.54 15.94 -16.06
C VAL B 215 -12.79 17.37 -16.39
N SER B 216 -11.70 18.08 -16.57
CA SER B 216 -11.76 19.47 -16.99
C SER B 216 -11.96 19.51 -18.51
N THR B 217 -12.53 20.59 -19.02
CA THR B 217 -12.69 20.72 -20.47
C THR B 217 -11.32 20.68 -21.18
N SER B 218 -11.32 20.64 -22.49
CA SER B 218 -10.09 20.41 -23.26
C SER B 218 -9.06 21.53 -23.09
N GLU B 219 -9.51 22.77 -22.94
CA GLU B 219 -8.61 23.91 -22.97
C GLU B 219 -8.26 24.45 -21.59
N ARG B 220 -8.94 23.96 -20.55
CA ARG B 220 -8.61 24.33 -19.17
C ARG B 220 -7.75 23.23 -18.54
N GLY B 221 -6.75 23.63 -17.79
CA GLY B 221 -5.86 22.65 -17.22
C GLY B 221 -6.47 22.12 -15.94
N ALA B 222 -5.63 21.51 -15.11
CA ALA B 222 -6.11 20.92 -13.86
C ALA B 222 -6.39 21.98 -12.78
N GLN B 223 -7.44 21.74 -12.01
CA GLN B 223 -7.82 22.62 -10.93
C GLN B 223 -8.35 21.77 -9.79
N HIS B 224 -8.51 22.39 -8.61
CA HIS B 224 -8.99 21.71 -7.44
C HIS B 224 -9.70 22.64 -6.45
N HIS B 225 -10.49 22.08 -5.57
CA HIS B 225 -11.12 22.88 -4.53
C HIS B 225 -11.05 22.00 -3.29
N ILE B 226 -10.59 22.60 -2.20
CA ILE B 226 -10.36 21.93 -0.92
C ILE B 226 -11.44 22.32 0.11
N TYR B 227 -12.09 21.33 0.73
CA TYR B 227 -13.01 21.52 1.84
C TYR B 227 -12.53 20.88 3.11
N ARG B 228 -13.01 21.39 4.24
CA ARG B 228 -12.95 20.64 5.49
C ARG B 228 -14.08 19.64 5.54
N LEU B 229 -13.80 18.43 5.96
CA LEU B 229 -14.88 17.53 6.35
C LEU B 229 -15.28 17.63 7.83
N VAL B 230 -16.58 17.74 8.03
CA VAL B 230 -17.11 18.02 9.34
C VAL B 230 -18.28 17.12 9.64
N ARG B 231 -18.68 17.13 10.89
CA ARG B 231 -19.78 16.30 11.32
C ARG B 231 -20.30 16.86 12.62
N ASP B 232 -21.59 17.18 12.65
CA ASP B 232 -22.26 17.73 13.84
C ASP B 232 -21.93 17.05 15.18
N VAL B 233 -21.79 17.87 16.25
CA VAL B 233 -21.64 17.44 17.67
C VAL B 233 -20.20 17.57 18.13
#